data_5FYT
#
_entry.id   5FYT
#
_cell.length_a   141.810
_cell.length_b   141.810
_cell.length_c   151.830
_cell.angle_alpha   90.00
_cell.angle_beta   90.00
_cell.angle_gamma   120.00
#
_symmetry.space_group_name_H-M   'P 65 2 2'
#
loop_
_entity.id
_entity.type
_entity.pdbx_description
1 polymer 'LYSINE-SPECIFIC DEMETHYLASE 5B'
2 non-polymer 'ZINC ION'
3 non-polymer 'MANGANESE (II) ION'
4 non-polymer '2-[(3S)-5-fluoranyl-2-oxidanylidene-1,3-dihydroindol-3-yl]ethanoic acid'
5 non-polymer 1,2-ETHANEDIOL
6 non-polymer 'DIMETHYL SULFOXIDE'
7 non-polymer 'PHOSPHATE ION'
8 non-polymer 'CHLORIDE ION'
9 water water
#
_entity_poly.entity_id   1
_entity_poly.type   'polypeptide(L)'
_entity_poly.pdbx_seq_one_letter_code
;SMFLPPPECPVFEPSWEEFADPFAFIHKIRPIAEQTGICKVRPPPDWQPPFACDVDKLHFTPRIQRLNELEAQTRVKLGG
GGARDYTLRTFGEMADAFKSDYFNMPVHMVPTELVEKEFWRLVSTIEEDVTVEYGADIASKEFGSGFPVRDGKIKLSPEE
EEYLDSGWNLNNMPVMEQSVLAHITADICGMKLPWLYVGMCFSSFCWHIEDHWSYSINYLHWGEPKTWYGVPGYAAEQLE
NVMKKLAPELFVSQPDLLHQLVTIMNPNTLMTHEVPVYRTNQCAGEFVITFPRAYHSGFNQGFNFAEAVNFCTVDWLPLG
RQCVEHYRLLHRYCVFSHDEMICKMASKADVLDVVVASTVQKDMAIMIEDEKALRETVRKLGVIDSERMDFELLPDDERQ
CVKCKTTCFMSAISCSCKPGLLVCLHHVKELCSCPPYKYKLRYRYTLDDLYPMMNALKLRAESYNEWALNVNEALEAKI
;
_entity_poly.pdbx_strand_id   A
#
loop_
_chem_comp.id
_chem_comp.type
_chem_comp.name
_chem_comp.formula
CL non-polymer 'CHLORIDE ION' 'Cl -1'
DMS non-polymer 'DIMETHYL SULFOXIDE' 'C2 H6 O S'
EDO non-polymer 1,2-ETHANEDIOL 'C2 H6 O2'
MN non-polymer 'MANGANESE (II) ION' 'Mn 2'
PO4 non-polymer 'PHOSPHATE ION' 'O4 P -3'
WQS non-polymer '2-[(3S)-5-fluoranyl-2-oxidanylidene-1,3-dihydroindol-3-yl]ethanoic acid' 'C10 H8 F N O3'
ZN non-polymer 'ZINC ION' 'Zn 2'
#
# COMPACT_ATOMS: atom_id res chain seq x y z
N SER A 1 -16.27 23.83 -16.68
CA SER A 1 -15.89 25.10 -16.10
C SER A 1 -15.64 24.97 -14.61
N MET A 2 -14.58 25.63 -14.15
CA MET A 2 -14.12 25.51 -12.77
C MET A 2 -13.80 24.04 -12.40
N PHE A 3 -14.80 23.17 -12.20
CA PHE A 3 -14.47 21.74 -12.02
C PHE A 3 -15.25 20.78 -12.91
N LEU A 4 -14.52 20.03 -13.71
CA LEU A 4 -15.12 19.00 -14.57
C LEU A 4 -14.82 17.62 -14.03
N PRO A 5 -15.86 16.92 -13.53
CA PRO A 5 -15.64 15.58 -12.97
C PRO A 5 -15.03 14.62 -13.98
N PRO A 6 -13.93 13.95 -13.57
CA PRO A 6 -13.35 12.88 -14.38
C PRO A 6 -14.41 11.83 -14.74
N PRO A 7 -14.16 11.06 -15.80
CA PRO A 7 -15.09 9.97 -16.12
C PRO A 7 -15.15 8.94 -15.01
N GLU A 8 -16.27 8.23 -14.90
CA GLU A 8 -16.45 7.23 -13.86
C GLU A 8 -15.54 6.02 -14.06
N CYS A 9 -15.01 5.47 -12.97
CA CYS A 9 -14.22 4.25 -13.03
C CYS A 9 -15.17 3.06 -13.21
N PRO A 10 -14.65 1.87 -13.56
CA PRO A 10 -15.51 0.69 -13.70
C PRO A 10 -16.18 0.32 -12.38
N VAL A 11 -17.40 -0.18 -12.48
CA VAL A 11 -18.13 -0.66 -11.33
C VAL A 11 -18.52 -2.10 -11.59
N PHE A 12 -18.24 -2.99 -10.64
CA PHE A 12 -18.53 -4.40 -10.84
C PHE A 12 -19.59 -4.86 -9.85
N GLU A 13 -20.53 -5.67 -10.34
CA GLU A 13 -21.56 -6.26 -9.48
C GLU A 13 -21.51 -7.77 -9.62
N PRO A 14 -20.54 -8.41 -8.96
CA PRO A 14 -20.39 -9.88 -9.06
C PRO A 14 -21.54 -10.66 -8.43
N SER A 15 -21.92 -11.77 -9.07
CA SER A 15 -22.84 -12.75 -8.45
C SER A 15 -22.14 -13.36 -7.26
N TRP A 16 -22.88 -14.10 -6.44
N TRP A 16 -22.88 -14.10 -6.42
CA TRP A 16 -22.24 -14.71 -5.28
CA TRP A 16 -22.27 -14.74 -5.27
C TRP A 16 -21.18 -15.72 -5.73
C TRP A 16 -21.19 -15.72 -5.72
N GLU A 17 -21.43 -16.39 -6.85
CA GLU A 17 -20.46 -17.33 -7.40
C GLU A 17 -19.15 -16.61 -7.76
N GLU A 18 -19.26 -15.50 -8.48
CA GLU A 18 -18.10 -14.67 -8.84
C GLU A 18 -17.42 -14.05 -7.63
N PHE A 19 -18.21 -13.74 -6.61
CA PHE A 19 -17.77 -13.00 -5.45
C PHE A 19 -17.04 -13.86 -4.44
N ALA A 20 -17.47 -15.11 -4.34
CA ALA A 20 -16.99 -16.06 -3.32
C ALA A 20 -15.48 -16.01 -3.15
N ASP A 21 -14.75 -16.07 -4.27
CA ASP A 21 -13.29 -15.99 -4.21
C ASP A 21 -12.76 -14.65 -4.71
N PRO A 22 -12.35 -13.78 -3.78
CA PRO A 22 -11.86 -12.45 -4.12
C PRO A 22 -10.64 -12.48 -5.05
N PHE A 23 -9.74 -13.44 -4.86
CA PHE A 23 -8.55 -13.45 -5.70
C PHE A 23 -8.87 -13.87 -7.14
N ALA A 24 -9.74 -14.87 -7.30
CA ALA A 24 -10.25 -15.22 -8.63
C ALA A 24 -10.93 -14.02 -9.29
N PHE A 25 -11.77 -13.33 -8.52
CA PHE A 25 -12.53 -12.21 -9.03
C PHE A 25 -11.62 -11.06 -9.45
N ILE A 26 -10.68 -10.70 -8.58
CA ILE A 26 -9.74 -9.63 -8.86
C ILE A 26 -8.95 -9.96 -10.13
N HIS A 27 -8.54 -11.21 -10.27
CA HIS A 27 -7.81 -11.63 -11.46
C HIS A 27 -8.68 -11.48 -12.72
N LYS A 28 -9.95 -11.81 -12.59
CA LYS A 28 -10.88 -11.69 -13.71
C LYS A 28 -11.04 -10.24 -14.20
N ILE A 29 -11.25 -9.29 -13.28
CA ILE A 29 -11.47 -7.90 -13.66
C ILE A 29 -10.19 -7.14 -14.02
N ARG A 30 -9.04 -7.74 -13.76
CA ARG A 30 -7.77 -7.04 -13.97
C ARG A 30 -7.55 -6.43 -15.36
N PRO A 31 -7.93 -7.13 -16.45
CA PRO A 31 -7.69 -6.49 -17.74
C PRO A 31 -8.44 -5.17 -17.90
N ILE A 32 -9.63 -5.09 -17.34
CA ILE A 32 -10.42 -3.85 -17.34
C ILE A 32 -9.90 -2.83 -16.33
N ALA A 33 -9.83 -3.25 -15.06
CA ALA A 33 -9.55 -2.30 -13.98
C ALA A 33 -8.10 -1.78 -13.96
N GLU A 34 -7.14 -2.52 -14.49
CA GLU A 34 -5.78 -1.99 -14.47
C GLU A 34 -5.62 -0.86 -15.49
N GLN A 35 -6.61 -0.70 -16.37
CA GLN A 35 -6.60 0.41 -17.32
C GLN A 35 -7.10 1.71 -16.69
N THR A 36 -7.78 1.59 -15.56
CA THR A 36 -8.33 2.77 -14.88
C THR A 36 -7.72 2.98 -13.49
N GLY A 37 -6.96 1.99 -13.03
CA GLY A 37 -6.22 2.13 -11.78
C GLY A 37 -7.03 1.81 -10.53
N ILE A 38 -8.25 2.34 -10.48
CA ILE A 38 -9.18 1.95 -9.42
C ILE A 38 -10.45 1.38 -10.03
N CYS A 39 -11.17 0.60 -9.24
CA CYS A 39 -12.50 0.16 -9.63
C CYS A 39 -13.33 0.00 -8.39
N LYS A 40 -14.64 -0.10 -8.56
CA LYS A 40 -15.53 -0.23 -7.44
C LYS A 40 -16.23 -1.58 -7.54
N VAL A 41 -16.46 -2.18 -6.39
CA VAL A 41 -17.08 -3.50 -6.32
C VAL A 41 -18.27 -3.46 -5.38
N ARG A 42 -19.45 -3.74 -5.92
CA ARG A 42 -20.65 -3.87 -5.11
C ARG A 42 -20.89 -5.34 -4.79
N PRO A 43 -20.84 -5.71 -3.52
CA PRO A 43 -21.04 -7.12 -3.16
C PRO A 43 -22.47 -7.55 -3.45
N PRO A 44 -22.72 -8.86 -3.64
CA PRO A 44 -24.07 -9.38 -3.83
C PRO A 44 -24.98 -8.88 -2.71
N PRO A 45 -26.27 -8.71 -3.01
CA PRO A 45 -27.22 -7.97 -2.17
C PRO A 45 -27.27 -8.45 -0.72
N ASP A 46 -27.07 -9.75 -0.53
CA ASP A 46 -27.21 -10.34 0.79
C ASP A 46 -25.87 -10.54 1.50
N TRP A 47 -24.76 -10.17 0.85
CA TRP A 47 -23.50 -10.08 1.57
C TRP A 47 -23.56 -8.83 2.44
N GLN A 48 -23.85 -9.01 3.72
CA GLN A 48 -24.05 -7.89 4.62
C GLN A 48 -23.41 -8.16 5.96
N PRO A 49 -22.12 -7.84 6.10
CA PRO A 49 -21.44 -8.05 7.38
C PRO A 49 -22.07 -7.18 8.46
N PRO A 50 -22.13 -7.69 9.70
CA PRO A 50 -22.79 -6.92 10.75
C PRO A 50 -21.89 -5.80 11.25
N PHE A 51 -22.38 -4.56 11.25
CA PHE A 51 -21.63 -3.45 11.80
C PHE A 51 -22.27 -3.09 13.16
N ALA A 52 -21.56 -3.34 14.24
CA ALA A 52 -22.06 -3.02 15.57
C ALA A 52 -20.94 -2.53 16.48
N CYS A 53 -21.15 -1.36 17.07
CA CYS A 53 -20.15 -0.81 17.98
C CYS A 53 -20.80 0.10 19.01
N ASP A 54 -20.14 0.26 20.16
CA ASP A 54 -20.54 1.28 21.12
C ASP A 54 -19.77 2.56 20.81
N VAL A 55 -20.49 3.56 20.32
CA VAL A 55 -19.85 4.81 19.89
C VAL A 55 -19.25 5.58 21.06
N ASP A 56 -19.68 5.27 22.29
CA ASP A 56 -19.13 5.94 23.46
C ASP A 56 -17.84 5.27 23.98
N LYS A 57 -17.59 4.05 23.56
CA LYS A 57 -16.44 3.31 24.08
C LYS A 57 -15.28 3.27 23.10
N LEU A 58 -15.57 3.46 21.82
CA LEU A 58 -14.52 3.55 20.82
C LEU A 58 -13.89 4.95 20.87
N HIS A 59 -12.57 5.00 21.07
CA HIS A 59 -11.77 6.23 21.25
CA HIS A 59 -11.92 6.30 21.02
C HIS A 59 -10.64 6.26 20.22
N PHE A 60 -10.24 7.44 19.74
CA PHE A 60 -9.03 7.53 18.92
C PHE A 60 -8.45 8.94 18.96
N THR A 61 -7.17 9.04 18.61
CA THR A 61 -6.49 10.33 18.54
C THR A 61 -6.70 10.95 17.18
N PRO A 62 -7.28 12.15 17.14
CA PRO A 62 -7.53 12.77 15.83
C PRO A 62 -6.26 13.36 15.24
N ARG A 63 -6.15 13.31 13.93
CA ARG A 63 -5.08 14.00 13.23
C ARG A 63 -5.70 15.24 12.59
N ILE A 64 -4.91 16.31 12.45
CA ILE A 64 -5.41 17.56 11.91
C ILE A 64 -4.87 17.77 10.51
N GLN A 65 -5.66 18.38 9.65
CA GLN A 65 -5.31 18.48 8.27
C GLN A 65 -5.71 19.82 7.69
N ARG A 66 -4.73 20.57 7.18
CA ARG A 66 -5.04 21.76 6.39
C ARG A 66 -5.40 21.35 4.97
N LEU A 67 -6.21 22.13 4.28
CA LEU A 67 -6.67 21.73 2.96
C LEU A 67 -6.26 22.72 1.89
N ASN A 68 -4.99 22.67 1.51
CA ASN A 68 -4.42 23.56 0.50
C ASN A 68 -3.81 22.78 -0.66
N GLU A 69 -4.28 23.03 -1.88
CA GLU A 69 -3.73 22.34 -3.04
C GLU A 69 -2.23 22.61 -3.15
N LEU A 70 -1.49 21.56 -3.48
CA LEU A 70 -0.04 21.61 -3.71
C LEU A 70 0.77 21.84 -2.44
N GLU A 71 0.11 21.95 -1.30
CA GLU A 71 0.84 22.07 -0.04
C GLU A 71 1.34 20.69 0.40
N ALA A 72 2.56 20.64 0.91
CA ALA A 72 3.15 19.39 1.40
C ALA A 72 2.42 18.89 2.64
N GLN A 73 2.09 17.61 2.63
CA GLN A 73 1.57 16.93 3.82
C GLN A 73 2.43 15.68 4.02
N THR A 74 2.51 15.21 5.25
CA THR A 74 3.31 14.04 5.57
C THR A 74 2.43 12.80 5.64
N ARG A 75 2.90 11.71 5.06
N ARG A 75 2.90 11.71 5.06
CA ARG A 75 2.21 10.42 5.14
CA ARG A 75 2.20 10.43 5.14
C ARG A 75 2.02 10.02 6.59
C ARG A 75 2.01 10.01 6.58
N VAL A 76 0.83 9.52 6.91
CA VAL A 76 0.51 9.15 8.29
C VAL A 76 1.41 8.03 8.81
N LYS A 77 1.82 8.17 10.07
CA LYS A 77 2.62 7.14 10.73
C LYS A 77 1.81 6.51 11.85
N LEU A 78 2.00 5.21 12.05
CA LEU A 78 1.27 4.53 13.12
C LEU A 78 1.76 5.03 14.49
N ARG A 84 -4.65 14.56 22.21
CA ARG A 84 -6.08 14.83 22.11
C ARG A 84 -6.84 13.53 21.84
N ASP A 85 -8.15 13.54 22.09
CA ASP A 85 -8.95 12.31 21.96
C ASP A 85 -10.45 12.55 21.72
N TYR A 86 -11.01 11.86 20.73
CA TYR A 86 -12.45 11.83 20.51
C TYR A 86 -12.98 10.43 20.81
N THR A 87 -14.21 10.31 21.29
CA THR A 87 -14.92 9.05 21.12
C THR A 87 -15.53 9.06 19.72
N LEU A 88 -15.95 7.91 19.22
CA LEU A 88 -16.62 7.89 17.92
C LEU A 88 -17.85 8.82 17.97
N ARG A 89 -18.53 8.89 19.11
CA ARG A 89 -19.68 9.79 19.21
C ARG A 89 -19.31 11.27 19.15
N THR A 90 -18.34 11.71 19.95
CA THR A 90 -17.99 13.13 19.97
C THR A 90 -17.36 13.53 18.62
N PHE A 91 -16.64 12.62 17.97
CA PHE A 91 -16.12 12.94 16.64
C PHE A 91 -17.28 13.11 15.66
N GLY A 92 -18.23 12.18 15.72
CA GLY A 92 -19.40 12.22 14.86
C GLY A 92 -20.19 13.51 15.05
N GLU A 93 -20.35 13.95 16.29
CA GLU A 93 -21.08 15.17 16.59
C GLU A 93 -20.34 16.38 16.00
N MET A 94 -19.03 16.41 16.17
CA MET A 94 -18.20 17.48 15.62
C MET A 94 -18.28 17.46 14.10
N ALA A 95 -18.16 16.26 13.52
CA ALA A 95 -18.17 16.12 12.06
C ALA A 95 -19.49 16.61 11.44
N ASP A 96 -20.60 16.20 12.03
CA ASP A 96 -21.92 16.53 11.51
C ASP A 96 -22.22 18.02 11.65
N ALA A 97 -21.87 18.58 12.80
CA ALA A 97 -22.06 20.00 13.04
C ALA A 97 -21.20 20.82 12.06
N PHE A 98 -20.00 20.34 11.78
CA PHE A 98 -19.11 21.04 10.86
C PHE A 98 -19.71 21.11 9.46
N LYS A 99 -20.21 19.98 8.97
CA LYS A 99 -20.76 19.95 7.63
C LYS A 99 -22.05 20.76 7.55
N SER A 100 -22.90 20.55 8.56
CA SER A 100 -24.17 21.25 8.66
C SER A 100 -23.97 22.77 8.67
N ASP A 101 -22.99 23.24 9.44
CA ASP A 101 -22.70 24.67 9.58
C ASP A 101 -22.03 25.24 8.34
N TYR A 102 -21.16 24.43 7.73
CA TYR A 102 -20.45 24.83 6.53
C TYR A 102 -21.39 25.17 5.39
N PHE A 103 -22.44 24.37 5.27
CA PHE A 103 -23.36 24.52 4.15
C PHE A 103 -24.71 25.14 4.53
N ASN A 104 -24.94 25.31 5.83
CA ASN A 104 -26.25 25.67 6.39
C ASN A 104 -27.37 24.80 5.83
N MET A 105 -27.10 23.50 5.77
CA MET A 105 -28.06 22.54 5.25
C MET A 105 -28.05 21.32 6.18
N PRO A 106 -29.19 20.61 6.26
CA PRO A 106 -29.18 19.37 7.05
C PRO A 106 -28.03 18.51 6.57
N VAL A 107 -27.32 17.98 7.55
CA VAL A 107 -25.93 17.52 7.38
C VAL A 107 -25.72 16.40 6.34
N HIS A 108 -26.69 16.26 5.47
CA HIS A 108 -27.13 14.95 5.08
C HIS A 108 -28.02 15.03 3.91
N MET A 109 -28.27 16.29 3.55
CA MET A 109 -29.02 16.68 2.38
C MET A 109 -28.15 17.47 1.36
N VAL A 110 -26.85 17.54 1.61
CA VAL A 110 -25.92 18.20 0.67
C VAL A 110 -25.52 17.28 -0.48
N PRO A 111 -25.76 17.71 -1.74
CA PRO A 111 -25.47 16.89 -2.91
C PRO A 111 -23.99 16.55 -3.03
N THR A 112 -23.68 15.31 -3.43
CA THR A 112 -22.27 14.88 -3.51
C THR A 112 -21.51 15.73 -4.53
N GLU A 113 -22.19 16.10 -5.62
N GLU A 113 -22.20 16.07 -5.61
CA GLU A 113 -21.54 16.87 -6.67
CA GLU A 113 -21.67 16.90 -6.68
C GLU A 113 -21.22 18.30 -6.19
C GLU A 113 -21.20 18.25 -6.14
N LEU A 114 -21.97 18.77 -5.19
CA LEU A 114 -21.71 20.08 -4.62
C LEU A 114 -20.53 20.04 -3.67
N VAL A 115 -20.48 19.01 -2.83
CA VAL A 115 -19.37 18.85 -1.89
C VAL A 115 -18.05 18.72 -2.67
N GLU A 116 -18.11 17.98 -3.77
CA GLU A 116 -16.94 17.81 -4.65
C GLU A 116 -16.49 19.12 -5.29
N LYS A 117 -17.45 19.83 -5.88
CA LYS A 117 -17.19 21.14 -6.47
C LYS A 117 -16.55 22.07 -5.44
N GLU A 118 -17.10 22.05 -4.23
CA GLU A 118 -16.67 22.95 -3.17
C GLU A 118 -15.31 22.56 -2.61
N PHE A 119 -15.03 21.26 -2.56
CA PHE A 119 -13.73 20.81 -2.12
C PHE A 119 -12.66 21.41 -3.03
N TRP A 120 -12.85 21.29 -4.34
CA TRP A 120 -11.80 21.76 -5.24
C TRP A 120 -11.72 23.29 -5.25
N ARG A 121 -12.81 23.98 -4.94
CA ARG A 121 -12.75 25.43 -4.75
C ARG A 121 -11.92 25.77 -3.52
N LEU A 122 -12.24 25.17 -2.39
CA LEU A 122 -11.60 25.58 -1.15
C LEU A 122 -10.11 25.24 -1.08
N VAL A 123 -9.68 24.15 -1.71
CA VAL A 123 -8.26 23.82 -1.63
C VAL A 123 -7.44 24.72 -2.54
N SER A 124 -8.09 25.34 -3.52
CA SER A 124 -7.40 26.17 -4.51
C SER A 124 -7.32 27.61 -4.02
N THR A 125 -8.26 27.96 -3.13
CA THR A 125 -8.39 29.33 -2.64
C THR A 125 -7.51 29.57 -1.41
N ILE A 126 -6.50 30.41 -1.58
CA ILE A 126 -5.53 30.64 -0.51
C ILE A 126 -6.17 31.40 0.66
N GLU A 127 -7.19 32.21 0.36
CA GLU A 127 -7.90 32.97 1.39
C GLU A 127 -8.64 32.05 2.38
N GLU A 128 -9.15 30.93 1.89
CA GLU A 128 -9.82 29.94 2.74
C GLU A 128 -8.78 29.20 3.58
N ASP A 129 -9.03 29.10 4.88
CA ASP A 129 -8.15 28.38 5.80
C ASP A 129 -8.93 27.28 6.53
N VAL A 130 -9.44 26.31 5.77
CA VAL A 130 -10.25 25.23 6.35
C VAL A 130 -9.35 24.12 6.88
N THR A 131 -9.54 23.74 8.15
CA THR A 131 -8.85 22.57 8.67
C THR A 131 -9.88 21.58 9.16
N VAL A 132 -9.58 20.31 8.99
CA VAL A 132 -10.50 19.24 9.40
C VAL A 132 -9.72 18.18 10.15
N GLU A 133 -10.43 17.25 10.78
CA GLU A 133 -9.78 16.21 11.57
C GLU A 133 -10.21 14.85 11.07
N TYR A 134 -9.40 13.83 11.34
CA TYR A 134 -9.74 12.48 10.89
C TYR A 134 -9.02 11.45 11.74
N GLY A 135 -9.43 10.19 11.61
CA GLY A 135 -8.75 9.10 12.27
C GLY A 135 -7.99 8.26 11.27
N ALA A 136 -6.82 7.78 11.65
CA ALA A 136 -6.08 6.83 10.84
C ALA A 136 -5.14 6.03 11.73
N ASP A 137 -5.39 4.72 11.84
CA ASP A 137 -4.47 3.82 12.53
C ASP A 137 -4.88 2.38 12.34
N ILE A 138 -4.01 1.46 12.73
CA ILE A 138 -4.36 0.05 12.67
C ILE A 138 -5.27 -0.28 13.85
N ALA A 139 -5.96 -1.41 13.79
CA ALA A 139 -6.84 -1.83 14.88
C ALA A 139 -6.10 -1.89 16.20
N SER A 140 -6.80 -1.56 17.28
CA SER A 140 -6.25 -1.65 18.63
C SER A 140 -7.36 -1.99 19.59
N LYS A 141 -7.01 -2.19 20.86
CA LYS A 141 -8.00 -2.48 21.89
C LYS A 141 -8.96 -1.29 22.05
N GLU A 142 -8.47 -0.09 21.76
CA GLU A 142 -9.27 1.12 21.89
C GLU A 142 -10.24 1.34 20.70
N PHE A 143 -9.87 0.80 19.55
CA PHE A 143 -10.67 0.96 18.33
C PHE A 143 -10.33 -0.19 17.41
N GLY A 144 -11.19 -1.20 17.37
CA GLY A 144 -10.89 -2.40 16.61
C GLY A 144 -11.45 -2.40 15.21
N SER A 145 -11.18 -3.48 14.48
CA SER A 145 -11.69 -3.66 13.14
C SER A 145 -13.21 -3.50 13.05
N GLY A 146 -13.70 -2.98 11.92
CA GLY A 146 -15.13 -2.98 11.67
C GLY A 146 -15.64 -4.36 11.23
N PHE A 147 -14.72 -5.28 10.93
CA PHE A 147 -15.11 -6.65 10.59
C PHE A 147 -15.04 -7.53 11.83
N PRO A 148 -15.77 -8.67 11.83
CA PRO A 148 -15.68 -9.59 12.96
C PRO A 148 -14.30 -10.21 13.06
N VAL A 149 -13.78 -10.27 14.28
CA VAL A 149 -12.53 -10.94 14.57
C VAL A 149 -12.79 -11.94 15.69
N ARG A 150 -11.93 -12.95 15.82
CA ARG A 150 -12.15 -13.96 16.85
C ARG A 150 -11.74 -13.47 18.24
N ASP A 151 -12.66 -13.64 19.19
CA ASP A 151 -12.41 -13.38 20.60
C ASP A 151 -13.56 -13.98 21.43
N ILE A 154 -15.47 -12.72 24.45
CA ILE A 154 -16.53 -12.23 23.58
C ILE A 154 -17.20 -13.37 22.83
N LYS A 155 -18.52 -13.48 22.98
CA LYS A 155 -19.27 -14.47 22.21
C LYS A 155 -19.93 -13.83 21.01
N LEU A 156 -19.60 -14.34 19.82
CA LEU A 156 -20.09 -13.77 18.56
C LEU A 156 -21.46 -14.32 18.21
N SER A 157 -22.28 -13.50 17.55
CA SER A 157 -23.54 -13.96 16.97
C SER A 157 -23.25 -14.88 15.79
N PRO A 158 -24.23 -15.70 15.39
CA PRO A 158 -24.09 -16.48 14.15
C PRO A 158 -23.82 -15.59 12.93
N GLU A 159 -24.46 -14.41 12.87
CA GLU A 159 -24.23 -13.47 11.77
C GLU A 159 -22.75 -13.08 11.69
N GLU A 160 -22.16 -12.79 12.85
CA GLU A 160 -20.74 -12.46 12.93
C GLU A 160 -19.85 -13.65 12.56
N GLU A 161 -20.20 -14.83 13.06
CA GLU A 161 -19.43 -16.03 12.77
C GLU A 161 -19.37 -16.29 11.27
N GLU A 162 -20.48 -16.02 10.59
CA GLU A 162 -20.56 -16.16 9.14
C GLU A 162 -19.48 -15.38 8.38
N TYR A 163 -19.13 -14.21 8.90
CA TYR A 163 -18.23 -13.32 8.18
C TYR A 163 -16.80 -13.38 8.72
N LEU A 164 -16.57 -14.26 9.69
CA LEU A 164 -15.24 -14.39 10.27
C LEU A 164 -14.20 -14.82 9.25
N ASP A 165 -14.59 -15.71 8.35
CA ASP A 165 -13.65 -16.34 7.45
C ASP A 165 -13.86 -15.91 6.02
N SER A 166 -14.67 -14.88 5.82
CA SER A 166 -14.87 -14.35 4.48
C SER A 166 -13.56 -13.90 3.86
N GLY A 167 -13.39 -14.18 2.57
CA GLY A 167 -12.26 -13.64 1.85
C GLY A 167 -12.28 -12.11 1.79
N TRP A 168 -13.48 -11.53 1.88
CA TRP A 168 -13.61 -10.06 1.83
C TRP A 168 -13.61 -9.41 3.21
N ASN A 169 -13.47 -10.21 4.26
CA ASN A 169 -13.16 -9.69 5.58
C ASN A 169 -11.69 -9.29 5.53
N LEU A 170 -11.40 -7.99 5.60
CA LEU A 170 -10.06 -7.52 5.27
C LEU A 170 -8.99 -7.96 6.28
N ASN A 171 -9.40 -8.42 7.45
CA ASN A 171 -8.43 -9.00 8.37
C ASN A 171 -7.81 -10.28 7.82
N ASN A 172 -8.58 -11.00 7.01
CA ASN A 172 -8.14 -12.26 6.44
C ASN A 172 -7.23 -12.13 5.22
N MET A 173 -7.48 -11.10 4.42
CA MET A 173 -6.78 -10.93 3.15
C MET A 173 -5.27 -11.14 3.24
N PRO A 174 -4.60 -10.58 4.29
CA PRO A 174 -3.17 -10.87 4.42
C PRO A 174 -2.83 -12.35 4.54
N VAL A 175 -3.39 -13.03 5.53
CA VAL A 175 -3.02 -14.41 5.85
C VAL A 175 -3.59 -15.45 4.87
N MET A 176 -4.21 -15.01 3.78
CA MET A 176 -4.75 -15.96 2.83
C MET A 176 -3.68 -16.45 1.85
N GLU A 177 -3.94 -17.63 1.27
CA GLU A 177 -2.97 -18.35 0.45
C GLU A 177 -2.46 -17.53 -0.73
N GLN A 178 -3.37 -17.07 -1.56
CA GLN A 178 -3.03 -16.38 -2.81
C GLN A 178 -2.41 -15.01 -2.55
N SER A 179 -2.31 -14.63 -1.28
CA SER A 179 -1.68 -13.39 -0.86
C SER A 179 -0.20 -13.56 -0.52
N VAL A 180 0.66 -13.16 -1.43
CA VAL A 180 2.08 -13.41 -1.33
C VAL A 180 2.73 -12.75 -0.09
N LEU A 181 2.15 -11.65 0.40
CA LEU A 181 2.62 -11.03 1.64
C LEU A 181 2.36 -11.86 2.89
N ALA A 182 1.63 -12.96 2.75
CA ALA A 182 1.27 -13.80 3.89
C ALA A 182 2.48 -14.41 4.56
N HIS A 183 3.32 -15.04 3.75
CA HIS A 183 4.43 -15.85 4.28
C HIS A 183 5.56 -14.97 4.80
N ILE A 184 5.48 -13.66 4.55
CA ILE A 184 6.46 -12.74 5.12
C ILE A 184 6.49 -12.90 6.63
N THR A 185 7.61 -13.39 7.14
CA THR A 185 7.77 -13.63 8.57
C THR A 185 8.13 -12.32 9.24
N ALA A 186 8.61 -11.36 8.44
CA ALA A 186 8.98 -10.04 8.93
C ALA A 186 7.81 -9.31 9.57
N ASP A 187 8.12 -8.46 10.54
CA ASP A 187 7.13 -7.63 11.19
C ASP A 187 6.91 -6.36 10.37
N ILE A 188 5.84 -6.37 9.58
CA ILE A 188 5.50 -5.21 8.78
C ILE A 188 4.04 -4.81 9.04
N CYS A 189 3.76 -4.57 10.33
CA CYS A 189 2.42 -4.24 10.82
C CYS A 189 1.71 -3.20 9.96
N GLY A 190 2.42 -2.12 9.64
CA GLY A 190 1.87 -1.04 8.83
C GLY A 190 1.33 -1.50 7.49
N MET A 191 1.86 -2.62 6.98
CA MET A 191 1.55 -3.06 5.64
C MET A 191 0.58 -4.24 5.55
N LYS A 192 0.72 -5.21 6.44
CA LYS A 192 -0.11 -6.42 6.39
C LYS A 192 -1.44 -6.27 7.13
N LEU A 193 -1.50 -5.28 8.03
CA LEU A 193 -2.70 -5.10 8.84
C LEU A 193 -3.57 -4.01 8.23
N PRO A 194 -4.90 -4.13 8.43
CA PRO A 194 -5.80 -3.09 7.94
C PRO A 194 -5.67 -1.79 8.71
N TRP A 195 -5.84 -0.69 7.99
CA TRP A 195 -5.91 0.63 8.58
C TRP A 195 -7.37 1.02 8.74
N LEU A 196 -7.67 1.68 9.85
CA LEU A 196 -9.03 2.13 10.15
C LEU A 196 -9.11 3.64 9.96
N TYR A 197 -10.09 4.11 9.19
CA TYR A 197 -10.20 5.52 8.81
C TYR A 197 -11.57 6.13 9.14
N VAL A 198 -11.64 6.89 10.22
CA VAL A 198 -12.83 7.66 10.54
C VAL A 198 -12.76 9.00 9.80
N GLY A 199 -13.73 9.25 8.92
CA GLY A 199 -13.68 10.46 8.10
C GLY A 199 -14.70 11.52 8.49
N MET A 200 -14.48 12.74 7.99
CA MET A 200 -15.48 13.80 8.09
C MET A 200 -15.45 14.56 6.75
N CYS A 201 -16.44 15.42 6.53
CA CYS A 201 -16.54 16.22 5.31
C CYS A 201 -15.20 16.88 5.01
N PHE A 202 -14.71 16.67 3.79
CA PHE A 202 -13.45 17.21 3.24
C PHE A 202 -12.16 16.52 3.75
N SER A 203 -12.23 15.67 4.79
CA SER A 203 -10.98 15.06 5.23
C SER A 203 -10.49 14.19 4.07
N SER A 204 -9.20 14.23 3.82
CA SER A 204 -8.72 13.91 2.50
C SER A 204 -7.48 13.01 2.53
N PHE A 205 -7.36 12.16 1.52
CA PHE A 205 -6.10 11.45 1.33
C PHE A 205 -5.41 11.99 0.09
N CYS A 206 -4.17 12.39 0.29
CA CYS A 206 -3.35 12.93 -0.80
C CYS A 206 -3.00 11.86 -1.84
N TRP A 207 -2.59 12.31 -3.03
CA TRP A 207 -2.17 11.41 -4.08
C TRP A 207 -1.04 10.49 -3.59
N HIS A 208 -1.24 9.20 -3.74
CA HIS A 208 -0.20 8.25 -3.34
C HIS A 208 -0.38 6.93 -4.07
N ILE A 209 0.67 6.12 -4.06
CA ILE A 209 0.58 4.70 -4.41
C ILE A 209 0.96 3.90 -3.17
N GLU A 210 0.70 2.59 -3.21
CA GLU A 210 0.93 1.78 -2.03
C GLU A 210 2.39 1.34 -1.95
N ASP A 211 2.86 1.08 -0.74
CA ASP A 211 4.23 0.61 -0.55
C ASP A 211 4.46 -0.65 -1.38
N HIS A 212 5.65 -0.74 -1.99
CA HIS A 212 6.02 -1.84 -2.87
C HIS A 212 5.06 -2.04 -4.04
N TRP A 213 4.35 -0.98 -4.43
CA TRP A 213 3.38 -1.02 -5.54
C TRP A 213 2.34 -2.12 -5.33
N SER A 214 1.99 -2.37 -4.08
CA SER A 214 0.99 -3.41 -3.83
C SER A 214 -0.40 -2.97 -4.28
N TYR A 215 -1.30 -3.95 -4.37
CA TYR A 215 -2.74 -3.67 -4.43
C TYR A 215 -3.22 -3.08 -3.11
N SER A 216 -4.38 -2.42 -3.13
CA SER A 216 -5.09 -2.20 -1.88
C SER A 216 -6.58 -2.43 -2.11
N ILE A 217 -7.29 -2.66 -1.03
CA ILE A 217 -8.73 -2.75 -1.09
C ILE A 217 -9.27 -2.03 0.13
N ASN A 218 -10.30 -1.22 -0.12
CA ASN A 218 -10.83 -0.28 0.85
C ASN A 218 -12.32 -0.54 0.96
N TYR A 219 -12.81 -0.77 2.17
CA TYR A 219 -14.23 -1.04 2.39
C TYR A 219 -14.85 0.06 3.22
N LEU A 220 -15.95 0.61 2.74
CA LEU A 220 -16.66 1.63 3.53
C LEU A 220 -17.74 0.96 4.36
N HIS A 221 -17.52 0.90 5.67
CA HIS A 221 -18.40 0.17 6.57
C HIS A 221 -19.75 0.89 6.67
N TRP A 222 -19.70 2.20 6.93
CA TRP A 222 -20.91 2.98 7.08
C TRP A 222 -20.65 4.46 6.92
N GLY A 223 -21.72 5.21 6.71
CA GLY A 223 -21.65 6.67 6.67
C GLY A 223 -21.78 7.22 5.27
N GLU A 224 -21.46 8.52 5.15
CA GLU A 224 -21.55 9.20 3.89
C GLU A 224 -20.43 8.78 2.94
N PRO A 225 -20.63 8.99 1.63
CA PRO A 225 -19.68 8.42 0.67
C PRO A 225 -18.25 8.94 0.77
N LYS A 226 -17.35 8.20 0.11
CA LYS A 226 -15.95 8.58 -0.06
C LYS A 226 -15.75 8.78 -1.54
N THR A 227 -15.26 9.95 -1.92
CA THR A 227 -15.03 10.30 -3.31
C THR A 227 -13.58 10.00 -3.70
N TRP A 228 -13.39 9.27 -4.79
CA TRP A 228 -12.06 8.81 -5.22
C TRP A 228 -11.66 9.37 -6.55
N TYR A 229 -10.34 9.58 -6.70
CA TYR A 229 -9.76 9.76 -8.03
C TYR A 229 -8.66 8.74 -8.21
N GLY A 230 -8.57 8.16 -9.40
CA GLY A 230 -7.61 7.11 -9.65
C GLY A 230 -6.95 7.25 -11.00
N VAL A 231 -5.69 6.83 -11.06
CA VAL A 231 -4.88 6.88 -12.28
C VAL A 231 -4.30 5.49 -12.52
N PRO A 232 -4.39 4.97 -13.76
CA PRO A 232 -3.84 3.64 -14.04
C PRO A 232 -2.33 3.57 -13.82
N GLY A 233 -1.85 2.39 -13.43
CA GLY A 233 -0.43 2.21 -13.19
C GLY A 233 0.47 2.62 -14.35
N TYR A 234 -0.02 2.45 -15.59
CA TYR A 234 0.80 2.79 -16.73
C TYR A 234 1.12 4.29 -16.82
N ALA A 235 0.38 5.12 -16.10
CA ALA A 235 0.57 6.56 -16.17
C ALA A 235 1.21 7.14 -14.92
N ALA A 236 1.76 6.26 -14.07
CA ALA A 236 2.37 6.69 -12.82
C ALA A 236 3.49 7.73 -13.03
N GLU A 237 4.38 7.48 -13.97
CA GLU A 237 5.48 8.42 -14.17
C GLU A 237 5.02 9.72 -14.82
N GLN A 238 3.99 9.64 -15.67
CA GLN A 238 3.38 10.86 -16.20
C GLN A 238 2.89 11.75 -15.05
N LEU A 239 2.20 11.14 -14.09
CA LEU A 239 1.65 11.89 -12.98
C LEU A 239 2.76 12.49 -12.16
N GLU A 240 3.81 11.72 -11.94
CA GLU A 240 4.89 12.19 -11.08
C GLU A 240 5.62 13.36 -11.76
N ASN A 241 5.73 13.30 -13.07
CA ASN A 241 6.34 14.42 -13.80
C ASN A 241 5.49 15.69 -13.70
N VAL A 242 4.17 15.55 -13.74
CA VAL A 242 3.29 16.71 -13.59
C VAL A 242 3.45 17.27 -12.18
N MET A 243 3.47 16.38 -11.20
CA MET A 243 3.68 16.75 -9.81
C MET A 243 4.99 17.49 -9.60
N LYS A 244 6.05 16.99 -10.21
CA LYS A 244 7.37 17.54 -9.95
C LYS A 244 7.49 18.92 -10.58
N LYS A 245 6.78 19.12 -11.69
CA LYS A 245 6.80 20.43 -12.32
C LYS A 245 6.05 21.46 -11.47
N LEU A 246 4.92 21.08 -10.89
CA LEU A 246 4.09 22.02 -10.15
C LEU A 246 4.38 22.09 -8.65
N ALA A 247 4.99 21.05 -8.09
CA ALA A 247 5.28 21.03 -6.64
C ALA A 247 6.61 20.34 -6.34
N PRO A 248 7.72 20.93 -6.82
CA PRO A 248 9.05 20.28 -6.78
C PRO A 248 9.52 19.95 -5.36
N GLU A 249 9.19 20.81 -4.40
CA GLU A 249 9.58 20.63 -3.00
C GLU A 249 9.15 19.28 -2.45
N LEU A 250 8.09 18.70 -3.01
CA LEU A 250 7.63 17.38 -2.60
C LEU A 250 8.64 16.29 -2.91
N PHE A 251 9.58 16.62 -3.80
CA PHE A 251 10.47 15.60 -4.34
C PHE A 251 11.90 15.70 -3.79
N VAL A 252 12.13 16.71 -2.94
CA VAL A 252 13.34 16.78 -2.14
C VAL A 252 13.49 15.46 -1.37
N SER A 253 14.68 14.86 -1.44
CA SER A 253 14.89 13.47 -1.00
C SER A 253 14.52 13.30 0.48
N GLN A 254 13.52 12.45 0.75
CA GLN A 254 13.02 12.25 2.11
C GLN A 254 13.99 11.47 2.98
N PRO A 255 14.24 11.99 4.19
CA PRO A 255 15.20 11.38 5.11
C PRO A 255 14.78 10.00 5.60
N ASP A 256 13.47 9.77 5.72
CA ASP A 256 12.95 8.52 6.27
C ASP A 256 11.70 8.03 5.56
N LEU A 257 11.20 6.89 6.01
CA LEU A 257 9.89 6.38 5.61
C LEU A 257 8.80 7.13 6.37
N LEU A 258 9.21 7.95 7.34
CA LEU A 258 8.29 8.71 8.17
C LEU A 258 8.26 10.18 7.78
N HIS A 259 8.86 10.50 6.63
CA HIS A 259 8.80 11.85 6.09
C HIS A 259 8.62 11.83 4.59
N GLN A 260 7.76 10.92 4.13
CA GLN A 260 7.34 10.91 2.73
C GLN A 260 6.32 12.03 2.54
N LEU A 261 6.54 12.88 1.54
CA LEU A 261 5.68 14.04 1.33
C LEU A 261 4.65 13.75 0.25
N VAL A 262 3.40 14.14 0.51
CA VAL A 262 2.32 13.94 -0.45
C VAL A 262 1.47 15.20 -0.56
N THR A 263 0.64 15.31 -1.59
CA THR A 263 -0.18 16.51 -1.75
C THR A 263 -1.55 16.33 -2.40
N ILE A 264 -2.39 17.34 -2.18
CA ILE A 264 -3.66 17.49 -2.86
C ILE A 264 -3.43 18.12 -4.22
N MET A 265 -3.99 17.52 -5.26
CA MET A 265 -3.91 18.13 -6.59
C MET A 265 -5.18 17.86 -7.40
N ASN A 266 -5.74 18.94 -7.93
CA ASN A 266 -6.93 18.86 -8.76
C ASN A 266 -6.76 17.90 -9.92
N PRO A 267 -7.65 16.90 -10.03
CA PRO A 267 -7.55 15.96 -11.15
C PRO A 267 -7.65 16.65 -12.51
N ASN A 268 -8.33 17.81 -12.60
CA ASN A 268 -8.42 18.51 -13.88
C ASN A 268 -7.03 18.94 -14.35
N THR A 269 -6.18 19.26 -13.38
CA THR A 269 -4.80 19.63 -13.67
C THR A 269 -4.04 18.47 -14.31
N LEU A 270 -4.20 17.27 -13.76
CA LEU A 270 -3.63 16.08 -14.37
C LEU A 270 -4.21 15.80 -15.77
N MET A 271 -5.53 15.93 -15.89
CA MET A 271 -6.21 15.67 -17.16
C MET A 271 -5.76 16.67 -18.23
N THR A 272 -5.49 17.90 -17.80
CA THR A 272 -4.97 18.93 -18.71
C THR A 272 -3.62 18.50 -19.26
N HIS A 273 -2.85 17.80 -18.43
CA HIS A 273 -1.52 17.35 -18.84
C HIS A 273 -1.54 15.94 -19.38
N GLU A 274 -2.70 15.51 -19.88
CA GLU A 274 -2.88 14.24 -20.58
C GLU A 274 -2.69 13.00 -19.69
N VAL A 275 -2.85 13.18 -18.38
CA VAL A 275 -2.89 12.05 -17.47
C VAL A 275 -4.32 11.56 -17.33
N PRO A 276 -4.56 10.28 -17.65
CA PRO A 276 -5.94 9.78 -17.52
C PRO A 276 -6.33 9.64 -16.05
N VAL A 277 -7.51 10.18 -15.70
CA VAL A 277 -8.00 10.13 -14.33
C VAL A 277 -9.43 9.63 -14.32
N TYR A 278 -9.76 8.78 -13.35
CA TYR A 278 -11.12 8.28 -13.19
C TYR A 278 -11.61 8.59 -11.79
N ARG A 279 -12.93 8.66 -11.61
CA ARG A 279 -13.50 8.98 -10.31
C ARG A 279 -14.53 7.95 -9.91
N THR A 280 -14.89 7.97 -8.62
CA THR A 280 -16.07 7.28 -8.17
C THR A 280 -16.49 7.81 -6.81
N ASN A 281 -17.78 7.68 -6.50
CA ASN A 281 -18.26 7.85 -5.15
C ASN A 281 -18.48 6.47 -4.55
N GLN A 282 -17.69 6.13 -3.55
CA GLN A 282 -17.86 4.86 -2.86
C GLN A 282 -18.86 5.04 -1.75
N CYS A 283 -19.95 4.29 -1.78
CA CYS A 283 -20.96 4.36 -0.73
C CYS A 283 -20.80 3.23 0.28
N ALA A 284 -21.47 3.38 1.43
CA ALA A 284 -21.42 2.38 2.48
C ALA A 284 -21.74 1.00 1.93
N GLY A 285 -20.95 0.00 2.32
CA GLY A 285 -21.11 -1.36 1.83
C GLY A 285 -20.42 -1.65 0.51
N GLU A 286 -19.63 -0.70 0.01
CA GLU A 286 -18.95 -0.93 -1.27
C GLU A 286 -17.44 -0.97 -1.10
N PHE A 287 -16.78 -1.71 -1.97
CA PHE A 287 -15.33 -1.80 -1.99
C PHE A 287 -14.75 -0.94 -3.09
N VAL A 288 -13.59 -0.34 -2.82
CA VAL A 288 -12.75 0.15 -3.90
C VAL A 288 -11.45 -0.66 -3.91
N ILE A 289 -11.01 -1.06 -5.08
CA ILE A 289 -9.76 -1.78 -5.23
C ILE A 289 -8.79 -0.94 -6.04
N THR A 290 -7.56 -0.80 -5.57
CA THR A 290 -6.54 -0.08 -6.33
C THR A 290 -5.47 -1.08 -6.81
N PHE A 291 -5.01 -0.88 -8.04
CA PHE A 291 -4.10 -1.82 -8.69
C PHE A 291 -2.65 -1.37 -8.54
N PRO A 292 -1.68 -2.27 -8.81
CA PRO A 292 -0.28 -1.89 -8.59
C PRO A 292 0.14 -0.59 -9.28
N ARG A 293 0.78 0.28 -8.51
CA ARG A 293 1.29 1.59 -8.95
C ARG A 293 0.19 2.53 -9.47
N ALA A 294 -1.05 2.27 -9.08
CA ALA A 294 -2.15 3.16 -9.46
C ALA A 294 -2.30 4.28 -8.44
N TYR A 295 -2.01 5.50 -8.88
CA TYR A 295 -2.15 6.65 -7.99
C TYR A 295 -3.60 6.87 -7.63
N HIS A 296 -3.88 7.23 -6.38
CA HIS A 296 -5.23 7.60 -6.00
C HIS A 296 -5.23 8.66 -4.93
N SER A 297 -6.32 9.42 -4.89
CA SER A 297 -6.54 10.44 -3.88
C SER A 297 -8.06 10.59 -3.71
N GLY A 298 -8.47 11.35 -2.71
CA GLY A 298 -9.90 11.53 -2.49
C GLY A 298 -10.23 12.25 -1.20
N PHE A 299 -11.52 12.32 -0.88
CA PHE A 299 -11.96 13.03 0.31
C PHE A 299 -13.31 12.42 0.71
N ASN A 300 -13.65 12.58 1.97
CA ASN A 300 -14.92 12.10 2.47
C ASN A 300 -16.02 13.15 2.31
N GLN A 301 -17.21 12.68 1.97
CA GLN A 301 -18.38 13.53 1.83
C GLN A 301 -18.95 13.95 3.18
N GLY A 302 -18.60 13.21 4.23
CA GLY A 302 -19.13 13.47 5.55
C GLY A 302 -18.63 12.42 6.51
N PHE A 303 -19.24 12.35 7.69
CA PHE A 303 -18.86 11.41 8.75
C PHE A 303 -18.99 9.97 8.23
N ASN A 304 -17.89 9.23 8.29
CA ASN A 304 -17.91 7.82 7.85
C ASN A 304 -16.77 7.00 8.45
N PHE A 305 -16.71 5.73 8.07
CA PHE A 305 -15.74 4.80 8.64
C PHE A 305 -15.35 3.77 7.61
N ALA A 306 -14.07 3.78 7.23
CA ALA A 306 -13.55 2.88 6.21
C ALA A 306 -12.41 2.05 6.79
N GLU A 307 -12.11 0.95 6.10
CA GLU A 307 -11.07 0.03 6.51
C GLU A 307 -10.41 -0.45 5.23
N ALA A 308 -9.08 -0.41 5.20
CA ALA A 308 -8.38 -0.75 3.98
C ALA A 308 -7.14 -1.59 4.30
N VAL A 309 -6.73 -2.42 3.35
CA VAL A 309 -5.55 -3.24 3.55
C VAL A 309 -4.77 -3.42 2.25
N ASN A 310 -3.45 -3.54 2.36
CA ASN A 310 -2.64 -3.91 1.21
C ASN A 310 -2.67 -5.39 0.95
N PHE A 311 -2.47 -5.78 -0.30
CA PHE A 311 -2.27 -7.19 -0.60
C PHE A 311 -1.51 -7.35 -1.91
N CYS A 312 -0.96 -8.54 -2.09
CA CYS A 312 -0.12 -8.83 -3.24
C CYS A 312 -0.46 -10.21 -3.78
N THR A 313 -1.00 -10.23 -4.99
CA THR A 313 -1.28 -11.46 -5.70
C THR A 313 -0.04 -11.92 -6.47
N VAL A 314 -0.10 -13.09 -7.09
CA VAL A 314 1.03 -13.60 -7.87
C VAL A 314 1.29 -12.73 -9.09
N ASP A 315 0.23 -12.14 -9.63
CA ASP A 315 0.34 -11.18 -10.73
C ASP A 315 1.35 -10.07 -10.39
N TRP A 316 1.38 -9.68 -9.12
CA TRP A 316 2.15 -8.52 -8.70
C TRP A 316 3.64 -8.80 -8.59
N LEU A 317 4.03 -10.08 -8.45
CA LEU A 317 5.44 -10.42 -8.15
C LEU A 317 6.48 -9.70 -9.03
N PRO A 318 6.32 -9.73 -10.37
CA PRO A 318 7.31 -9.00 -11.19
C PRO A 318 7.32 -7.50 -10.95
N LEU A 319 6.16 -6.92 -10.65
CA LEU A 319 6.08 -5.50 -10.34
C LEU A 319 6.76 -5.21 -9.02
N GLY A 320 6.60 -6.10 -8.06
CA GLY A 320 7.28 -5.98 -6.79
C GLY A 320 8.80 -5.90 -6.93
N ARG A 321 9.36 -6.74 -7.79
CA ARG A 321 10.80 -6.72 -8.06
C ARG A 321 11.18 -5.38 -8.72
N GLN A 322 10.37 -4.96 -9.70
N GLN A 322 10.38 -4.95 -9.71
CA GLN A 322 10.61 -3.70 -10.40
CA GLN A 322 10.62 -3.68 -10.39
C GLN A 322 10.50 -2.50 -9.46
C GLN A 322 10.55 -2.51 -9.41
N CYS A 323 9.60 -2.59 -8.47
CA CYS A 323 9.45 -1.51 -7.51
C CYS A 323 10.72 -1.35 -6.67
N VAL A 324 11.31 -2.46 -6.24
CA VAL A 324 12.47 -2.39 -5.36
C VAL A 324 13.68 -1.82 -6.12
N GLU A 325 13.77 -2.17 -7.39
CA GLU A 325 14.74 -1.57 -8.29
C GLU A 325 14.51 -0.07 -8.34
N HIS A 326 13.26 0.33 -8.46
CA HIS A 326 12.95 1.75 -8.57
C HIS A 326 13.22 2.47 -7.25
N TYR A 327 12.94 1.82 -6.12
CA TYR A 327 13.32 2.36 -4.82
C TYR A 327 14.83 2.61 -4.71
N ARG A 328 15.60 1.66 -5.24
CA ARG A 328 17.07 1.78 -5.22
C ARG A 328 17.54 3.02 -5.98
N LEU A 329 17.03 3.20 -7.19
CA LEU A 329 17.33 4.40 -7.98
C LEU A 329 17.01 5.69 -7.23
N LEU A 330 15.93 5.68 -6.46
CA LEU A 330 15.50 6.86 -5.69
C LEU A 330 16.10 6.96 -4.30
N HIS A 331 16.84 5.93 -3.88
CA HIS A 331 17.39 5.87 -2.52
C HIS A 331 16.29 5.89 -1.49
N ARG A 332 15.21 5.17 -1.79
CA ARG A 332 14.06 5.11 -0.92
C ARG A 332 14.04 3.82 -0.08
N TYR A 333 13.69 3.93 1.19
CA TYR A 333 13.68 2.78 2.08
C TYR A 333 12.62 1.73 1.67
N CYS A 334 12.92 0.47 1.95
CA CYS A 334 12.01 -0.64 1.67
C CYS A 334 11.22 -0.99 2.91
N VAL A 335 10.00 -1.49 2.73
CA VAL A 335 9.25 -1.94 3.89
C VAL A 335 9.71 -3.36 4.25
N PHE A 336 10.06 -4.13 3.23
CA PHE A 336 10.59 -5.47 3.44
C PHE A 336 11.55 -5.83 2.31
N SER A 337 12.27 -6.93 2.48
CA SER A 337 13.09 -7.43 1.39
C SER A 337 12.29 -8.34 0.46
N HIS A 338 12.17 -7.96 -0.79
CA HIS A 338 11.45 -8.76 -1.78
C HIS A 338 12.12 -10.13 -1.94
N ASP A 339 13.44 -10.12 -2.07
CA ASP A 339 14.18 -11.38 -2.21
C ASP A 339 14.03 -12.27 -0.99
N GLU A 340 14.00 -11.68 0.20
CA GLU A 340 13.81 -12.46 1.40
C GLU A 340 12.46 -13.17 1.34
N MET A 341 11.45 -12.45 0.88
N MET A 341 11.44 -12.47 0.87
CA MET A 341 10.10 -13.00 0.72
CA MET A 341 10.10 -13.03 0.75
C MET A 341 10.07 -14.17 -0.25
C MET A 341 10.06 -14.18 -0.26
N ILE A 342 10.73 -13.99 -1.40
CA ILE A 342 10.85 -15.04 -2.41
C ILE A 342 11.52 -16.30 -1.83
N CYS A 343 12.63 -16.12 -1.11
CA CYS A 343 13.35 -17.27 -0.55
C CYS A 343 12.59 -17.95 0.58
N LYS A 344 11.89 -17.16 1.39
CA LYS A 344 11.02 -17.72 2.42
C LYS A 344 9.95 -18.61 1.78
N MET A 345 9.31 -18.14 0.71
CA MET A 345 8.34 -18.98 0.01
C MET A 345 8.97 -20.24 -0.61
N ALA A 346 10.14 -20.09 -1.22
CA ALA A 346 10.85 -21.25 -1.77
C ALA A 346 11.13 -22.27 -0.67
N SER A 347 11.51 -21.79 0.51
CA SER A 347 11.81 -22.68 1.62
C SER A 347 10.56 -23.37 2.15
N LYS A 348 9.39 -22.91 1.70
CA LYS A 348 8.13 -23.52 2.11
C LYS A 348 7.41 -24.09 0.91
N ALA A 349 8.17 -24.48 -0.12
CA ALA A 349 7.60 -24.85 -1.41
C ALA A 349 6.52 -25.93 -1.30
N ASP A 350 6.74 -26.90 -0.41
CA ASP A 350 5.82 -28.04 -0.31
C ASP A 350 4.42 -27.68 0.17
N VAL A 351 4.27 -26.58 0.91
CA VAL A 351 2.96 -26.17 1.41
C VAL A 351 2.38 -25.00 0.63
N LEU A 352 3.09 -24.58 -0.41
CA LEU A 352 2.64 -23.47 -1.24
C LEU A 352 1.51 -23.88 -2.17
N ASP A 353 0.55 -22.98 -2.34
CA ASP A 353 -0.41 -23.10 -3.43
C ASP A 353 0.37 -23.31 -4.74
N VAL A 354 -0.12 -24.14 -5.66
CA VAL A 354 0.69 -24.53 -6.81
C VAL A 354 0.90 -23.44 -7.85
N VAL A 355 -0.10 -22.57 -8.03
CA VAL A 355 0.03 -21.46 -8.97
C VAL A 355 1.01 -20.44 -8.40
N VAL A 356 0.90 -20.22 -7.09
CA VAL A 356 1.86 -19.40 -6.37
C VAL A 356 3.26 -19.95 -6.60
N ALA A 357 3.42 -21.26 -6.40
CA ALA A 357 4.73 -21.90 -6.58
C ALA A 357 5.27 -21.63 -7.96
N SER A 358 4.42 -21.76 -8.98
CA SER A 358 4.86 -21.56 -10.35
C SER A 358 5.34 -20.13 -10.61
N THR A 359 4.65 -19.15 -10.05
CA THR A 359 4.98 -17.75 -10.28
C THR A 359 6.22 -17.33 -9.48
N VAL A 360 6.33 -17.83 -8.25
CA VAL A 360 7.52 -17.60 -7.45
C VAL A 360 8.75 -18.16 -8.16
N GLN A 361 8.60 -19.34 -8.75
N GLN A 361 8.62 -19.34 -8.75
CA GLN A 361 9.69 -20.00 -9.47
CA GLN A 361 9.73 -19.97 -9.45
C GLN A 361 10.27 -19.08 -10.55
C GLN A 361 10.28 -19.05 -10.55
N LYS A 362 9.38 -18.40 -11.27
CA LYS A 362 9.79 -17.50 -12.35
C LYS A 362 10.54 -16.28 -11.85
N ASP A 363 10.07 -15.70 -10.75
CA ASP A 363 10.75 -14.54 -10.17
C ASP A 363 12.09 -14.97 -9.58
N MET A 364 12.10 -16.13 -8.95
CA MET A 364 13.34 -16.66 -8.36
C MET A 364 14.41 -16.87 -9.43
N ALA A 365 14.01 -17.33 -10.61
CA ALA A 365 14.98 -17.55 -11.70
C ALA A 365 15.63 -16.24 -12.09
N ILE A 366 14.83 -15.18 -12.16
CA ILE A 366 15.34 -13.86 -12.50
C ILE A 366 16.30 -13.39 -11.41
N MET A 367 15.87 -13.55 -10.16
CA MET A 367 16.68 -13.19 -9.01
C MET A 367 18.04 -13.87 -9.06
N ILE A 368 18.03 -15.16 -9.33
CA ILE A 368 19.28 -15.93 -9.29
C ILE A 368 20.21 -15.49 -10.42
N GLU A 369 19.66 -15.29 -11.61
CA GLU A 369 20.51 -14.86 -12.70
C GLU A 369 21.07 -13.44 -12.46
N ASP A 370 20.25 -12.53 -11.92
CA ASP A 370 20.76 -11.21 -11.55
C ASP A 370 21.85 -11.28 -10.48
N GLU A 371 21.66 -12.15 -9.49
CA GLU A 371 22.60 -12.29 -8.38
C GLU A 371 23.93 -12.87 -8.89
N LYS A 372 23.83 -13.86 -9.77
CA LYS A 372 25.01 -14.43 -10.40
C LYS A 372 25.87 -13.37 -11.08
N ALA A 373 25.24 -12.49 -11.85
CA ALA A 373 25.96 -11.44 -12.55
C ALA A 373 26.54 -10.39 -11.60
N LEU A 374 25.80 -10.01 -10.57
CA LEU A 374 26.31 -9.04 -9.61
C LEU A 374 27.54 -9.57 -8.89
N ARG A 375 27.52 -10.85 -8.55
CA ARG A 375 28.66 -11.45 -7.84
C ARG A 375 29.88 -11.54 -8.75
N GLU A 376 29.65 -11.81 -10.01
CA GLU A 376 30.78 -11.84 -10.96
C GLU A 376 31.41 -10.45 -11.07
N THR A 377 30.56 -9.43 -11.11
CA THR A 377 31.05 -8.06 -11.17
C THR A 377 31.87 -7.66 -9.94
N VAL A 378 31.41 -8.02 -8.75
CA VAL A 378 32.14 -7.56 -7.58
C VAL A 378 33.42 -8.39 -7.40
N ARG A 379 33.43 -9.63 -7.87
CA ARG A 379 34.67 -10.42 -7.87
C ARG A 379 35.72 -9.75 -8.77
N LYS A 380 35.27 -9.23 -9.90
CA LYS A 380 36.19 -8.56 -10.83
C LYS A 380 36.67 -7.22 -10.31
N LEU A 381 36.01 -6.72 -9.27
CA LEU A 381 36.43 -5.46 -8.65
C LEU A 381 37.46 -5.72 -7.54
N GLY A 382 37.74 -6.99 -7.28
CA GLY A 382 38.82 -7.35 -6.37
C GLY A 382 38.33 -7.78 -5.00
N VAL A 383 37.02 -7.93 -4.85
CA VAL A 383 36.48 -8.49 -3.62
C VAL A 383 36.64 -10.00 -3.66
N ILE A 384 37.42 -10.55 -2.73
CA ILE A 384 37.74 -11.96 -2.79
C ILE A 384 37.21 -12.74 -1.59
N ASP A 385 37.40 -12.21 -0.39
CA ASP A 385 36.92 -12.90 0.81
C ASP A 385 35.39 -12.92 0.79
N SER A 386 34.83 -13.95 1.41
CA SER A 386 33.38 -14.02 1.55
C SER A 386 33.00 -14.79 2.81
N GLU A 387 31.78 -14.58 3.29
CA GLU A 387 31.27 -15.37 4.40
C GLU A 387 29.76 -15.34 4.35
N ARG A 388 29.15 -16.49 4.62
CA ARG A 388 27.70 -16.59 4.73
C ARG A 388 27.22 -15.65 5.83
N MET A 389 26.06 -15.04 5.60
CA MET A 389 25.51 -14.15 6.60
C MET A 389 24.01 -14.27 6.60
N ASP A 390 23.44 -14.52 7.78
CA ASP A 390 21.99 -14.64 7.90
C ASP A 390 21.34 -13.27 8.01
N PHE A 391 21.20 -12.60 6.87
CA PHE A 391 20.65 -11.24 6.83
C PHE A 391 19.32 -11.12 7.55
N GLU A 392 18.47 -12.14 7.47
CA GLU A 392 17.13 -12.01 8.05
C GLU A 392 17.16 -11.80 9.58
N LEU A 393 18.29 -12.10 10.23
CA LEU A 393 18.40 -11.89 11.68
C LEU A 393 18.67 -10.42 12.05
N LEU A 394 19.17 -9.65 11.10
CA LEU A 394 19.47 -8.25 11.36
C LEU A 394 18.22 -7.40 11.31
N PRO A 395 18.04 -6.52 12.30
CA PRO A 395 17.00 -5.49 12.16
C PRO A 395 17.19 -4.78 10.83
N ASP A 396 16.10 -4.40 10.17
CA ASP A 396 16.16 -3.76 8.86
C ASP A 396 17.13 -2.58 8.80
N ASP A 397 17.13 -1.73 9.82
CA ASP A 397 17.97 -0.54 9.79
C ASP A 397 19.44 -0.90 9.97
N GLU A 398 19.72 -2.16 10.29
CA GLU A 398 21.10 -2.61 10.33
C GLU A 398 21.54 -3.30 9.04
N ARG A 399 20.67 -3.37 8.03
CA ARG A 399 21.09 -3.98 6.78
C ARG A 399 20.63 -3.21 5.55
N GLN A 400 20.60 -1.89 5.65
CA GLN A 400 20.36 -1.05 4.49
C GLN A 400 21.66 -0.63 3.84
N CYS A 401 21.70 -0.65 2.52
CA CYS A 401 22.81 -0.14 1.76
C CYS A 401 23.04 1.33 2.12
N VAL A 402 24.26 1.65 2.53
CA VAL A 402 24.62 3.03 2.94
C VAL A 402 24.24 4.04 1.87
N LYS A 403 24.41 3.65 0.61
CA LYS A 403 24.14 4.50 -0.54
C LYS A 403 22.66 4.60 -0.92
N CYS A 404 22.04 3.47 -1.28
CA CYS A 404 20.70 3.52 -1.86
C CYS A 404 19.59 3.10 -0.90
N LYS A 405 19.99 2.72 0.31
CA LYS A 405 19.06 2.36 1.41
C LYS A 405 18.26 1.05 1.18
N THR A 406 18.57 0.30 0.13
CA THR A 406 17.84 -0.96 -0.10
C THR A 406 18.08 -1.92 1.07
N THR A 407 17.09 -2.72 1.41
CA THR A 407 17.24 -3.72 2.43
C THR A 407 17.99 -4.92 1.86
N CYS A 408 19.19 -5.19 2.38
CA CYS A 408 20.00 -6.28 1.84
C CYS A 408 19.46 -7.64 2.30
N PHE A 409 19.57 -8.63 1.43
CA PHE A 409 19.26 -10.01 1.83
C PHE A 409 20.11 -11.02 1.07
N MET A 410 20.08 -10.97 -0.27
CA MET A 410 20.86 -11.96 -1.04
C MET A 410 22.35 -11.80 -0.74
N SER A 411 22.82 -10.56 -0.68
CA SER A 411 24.24 -10.31 -0.44
C SER A 411 24.53 -8.85 -0.18
N ALA A 412 25.71 -8.58 0.37
CA ALA A 412 26.18 -7.22 0.60
C ALA A 412 27.69 -7.22 0.73
N ILE A 413 28.27 -6.03 0.72
CA ILE A 413 29.70 -5.88 0.97
C ILE A 413 29.91 -5.17 2.30
N SER A 414 30.84 -5.71 3.10
CA SER A 414 31.25 -5.10 4.36
C SER A 414 32.75 -4.85 4.33
N CYS A 415 33.23 -4.06 5.29
CA CYS A 415 34.67 -3.82 5.46
C CYS A 415 34.95 -3.54 6.93
N SER A 416 36.01 -4.19 7.46
CA SER A 416 36.40 -4.07 8.87
C SER A 416 36.69 -2.62 9.26
N CYS A 417 37.15 -1.86 8.27
CA CYS A 417 37.23 -0.41 8.36
C CYS A 417 35.97 0.31 8.83
N LYS A 418 34.82 -0.07 8.26
CA LYS A 418 33.53 0.52 8.62
C LYS A 418 32.62 -0.52 9.27
N PRO A 419 32.88 -0.85 10.55
CA PRO A 419 32.14 -1.90 11.24
C PRO A 419 30.63 -1.68 11.22
N GLY A 420 29.87 -2.70 10.84
CA GLY A 420 28.42 -2.60 10.83
C GLY A 420 27.81 -1.99 9.59
N LEU A 421 28.61 -1.31 8.78
CA LEU A 421 28.10 -0.72 7.54
C LEU A 421 28.08 -1.72 6.38
N LEU A 422 27.08 -1.59 5.53
CA LEU A 422 26.91 -2.44 4.37
C LEU A 422 26.58 -1.63 3.14
N VAL A 423 27.01 -2.13 1.99
CA VAL A 423 26.47 -1.67 0.71
C VAL A 423 25.97 -2.88 -0.07
N CYS A 424 24.95 -2.67 -0.89
CA CYS A 424 24.47 -3.70 -1.79
C CYS A 424 25.47 -3.82 -2.94
N LEU A 425 25.32 -4.83 -3.78
CA LEU A 425 26.36 -5.11 -4.77
C LEU A 425 26.37 -4.09 -5.92
N HIS A 426 25.37 -3.21 -5.99
CA HIS A 426 25.39 -2.13 -6.98
C HIS A 426 26.29 -0.98 -6.55
N HIS A 427 26.65 -0.95 -5.27
CA HIS A 427 27.34 0.20 -4.69
C HIS A 427 28.61 -0.15 -3.91
N VAL A 428 29.31 -1.17 -4.40
CA VAL A 428 30.58 -1.59 -3.80
C VAL A 428 31.55 -0.42 -3.59
N LYS A 429 31.54 0.54 -4.50
CA LYS A 429 32.48 1.68 -4.42
C LYS A 429 32.07 2.75 -3.41
N GLU A 430 30.92 2.57 -2.78
CA GLU A 430 30.37 3.60 -1.91
C GLU A 430 30.55 3.34 -0.43
N LEU A 431 31.30 2.31 -0.07
CA LEU A 431 31.37 1.91 1.33
C LEU A 431 32.47 2.65 2.09
N CYS A 432 33.69 2.63 1.55
CA CYS A 432 34.82 3.28 2.20
C CYS A 432 36.01 3.37 1.24
N SER A 433 37.10 3.97 1.71
CA SER A 433 38.23 4.23 0.82
C SER A 433 39.23 3.08 0.78
N CYS A 434 39.03 2.07 1.61
CA CYS A 434 39.91 0.91 1.62
C CYS A 434 39.84 0.21 0.28
N PRO A 435 40.95 -0.41 -0.13
CA PRO A 435 40.94 -1.23 -1.34
C PRO A 435 40.03 -2.44 -1.17
N PRO A 436 39.34 -2.84 -2.24
CA PRO A 436 38.42 -3.98 -2.26
C PRO A 436 38.95 -5.31 -1.70
N TYR A 437 40.25 -5.57 -1.65
CA TYR A 437 40.68 -6.85 -1.06
C TYR A 437 40.45 -6.87 0.45
N LYS A 438 40.22 -5.70 1.03
CA LYS A 438 39.85 -5.62 2.45
C LYS A 438 38.36 -5.93 2.66
N TYR A 439 37.62 -6.02 1.58
CA TYR A 439 36.16 -6.19 1.66
C TYR A 439 35.78 -7.65 1.80
N LYS A 440 34.57 -7.90 2.27
CA LYS A 440 34.02 -9.24 2.29
C LYS A 440 32.68 -9.24 1.59
N LEU A 441 32.46 -10.20 0.70
CA LEU A 441 31.12 -10.50 0.24
C LEU A 441 30.38 -11.28 1.32
N ARG A 442 29.32 -10.68 1.85
CA ARG A 442 28.43 -11.35 2.79
C ARG A 442 27.24 -11.86 1.98
N TYR A 443 26.94 -13.15 2.05
CA TYR A 443 25.89 -13.71 1.19
C TYR A 443 24.99 -14.64 1.99
N ARG A 444 23.70 -14.66 1.66
CA ARG A 444 22.80 -15.55 2.41
C ARG A 444 22.93 -16.99 1.92
N TYR A 445 23.03 -17.15 0.59
CA TYR A 445 23.05 -18.46 -0.06
C TYR A 445 24.12 -18.53 -1.11
N THR A 446 24.74 -19.70 -1.29
CA THR A 446 25.57 -19.91 -2.47
C THR A 446 24.65 -20.17 -3.64
N LEU A 447 25.16 -20.00 -4.85
CA LEU A 447 24.36 -20.35 -6.04
C LEU A 447 23.95 -21.81 -5.98
N ASP A 448 24.80 -22.66 -5.41
CA ASP A 448 24.48 -24.08 -5.24
C ASP A 448 23.38 -24.37 -4.22
N ASP A 449 23.18 -23.50 -3.24
CA ASP A 449 22.02 -23.57 -2.35
C ASP A 449 20.74 -23.21 -3.10
N LEU A 450 20.85 -22.21 -3.96
CA LEU A 450 19.68 -21.58 -4.56
C LEU A 450 18.98 -22.43 -5.62
N TYR A 451 19.74 -23.12 -6.46
CA TYR A 451 19.12 -23.92 -7.52
C TYR A 451 18.20 -25.04 -7.01
N PRO A 452 18.60 -25.78 -5.95
CA PRO A 452 17.67 -26.73 -5.34
C PRO A 452 16.40 -26.11 -4.76
N MET A 453 16.52 -24.90 -4.20
CA MET A 453 15.35 -24.20 -3.67
C MET A 453 14.40 -23.91 -4.82
N MET A 454 14.97 -23.44 -5.93
CA MET A 454 14.13 -23.14 -7.06
C MET A 454 13.51 -24.42 -7.64
N ASN A 455 14.24 -25.53 -7.58
N ASN A 455 14.23 -25.53 -7.54
CA ASN A 455 13.75 -26.81 -8.08
CA ASN A 455 13.76 -26.78 -8.09
C ASN A 455 12.57 -27.34 -7.29
C ASN A 455 12.62 -27.39 -7.28
N ALA A 456 12.58 -27.09 -5.98
CA ALA A 456 11.46 -27.52 -5.14
C ALA A 456 10.18 -26.82 -5.60
N LEU A 457 10.30 -25.55 -5.98
CA LEU A 457 9.17 -24.79 -6.48
C LEU A 457 8.66 -25.40 -7.77
N LYS A 458 9.58 -25.74 -8.66
CA LYS A 458 9.23 -26.36 -9.92
C LYS A 458 8.48 -27.68 -9.69
N LEU A 459 8.99 -28.53 -8.80
CA LEU A 459 8.31 -29.77 -8.46
C LEU A 459 6.93 -29.55 -7.87
N ARG A 460 6.78 -28.54 -7.02
CA ARG A 460 5.47 -28.27 -6.44
C ARG A 460 4.52 -27.74 -7.50
N ALA A 461 5.04 -26.92 -8.41
CA ALA A 461 4.25 -26.41 -9.53
C ALA A 461 3.96 -27.52 -10.53
N GLU A 462 4.72 -28.59 -10.44
CA GLU A 462 4.63 -29.75 -11.34
C GLU A 462 4.82 -29.32 -12.79
ZN ZN B . 22.90 0.08 -2.81
ZN ZN C . 37.24 0.14 4.79
MN MN D . -4.12 3.97 -0.69
C01 WQS E . -7.89 5.69 1.17
C02 WQS E . -7.71 5.80 2.68
C03 WQS E . -8.75 6.47 3.28
N04 WQS E . -8.43 7.51 4.05
C05 WQS E . -6.93 7.65 3.98
C06 WQS E . -6.02 8.52 4.55
C07 WQS E . -4.65 8.36 4.27
C08 WQS E . -4.20 7.32 3.41
C09 WQS E . -5.13 6.42 2.82
C10 WQS E . -6.46 6.56 3.09
F11 WQS E . -2.88 7.18 3.14
O12 WQS E . -9.89 6.12 3.15
C13 WQS E . -6.98 4.62 0.60
O14 WQS E . -5.89 4.96 0.08
O15 WQS E . -7.31 3.39 0.65
C1 EDO F . -9.49 5.71 13.81
O1 EDO F . -9.71 5.91 12.40
C2 EDO F . -8.54 4.55 14.00
O2 EDO F . -8.14 4.47 15.37
C1 EDO G . 30.60 -16.43 -2.68
O1 EDO G . 29.47 -16.33 -3.56
C2 EDO G . 30.45 -17.76 -1.96
O2 EDO G . 29.63 -18.60 -2.77
C1 EDO H . 18.69 -8.42 -6.26
O1 EDO H . 17.49 -9.21 -6.28
C2 EDO H . 19.75 -9.20 -7.04
O2 EDO H . 19.43 -10.58 -6.87
C1 EDO I . -9.59 9.71 -18.30
O1 EDO I . -9.59 11.11 -18.01
C2 EDO I . -10.09 9.43 -19.72
O2 EDO I . -9.10 9.79 -20.69
C1 EDO J . 24.12 -1.08 7.29
O1 EDO J . 24.67 -0.11 6.37
C2 EDO J . 23.21 -0.40 8.32
O2 EDO J . 21.86 -0.32 7.84
C1 EDO K . 2.56 -0.33 -13.70
O1 EDO K . 2.08 -0.45 -15.05
C2 EDO K . 4.05 -0.67 -13.66
O2 EDO K . 4.82 0.46 -14.09
C1 EDO L . 33.72 -13.12 -3.38
O1 EDO L . 33.75 -12.17 -4.45
C2 EDO L . 34.08 -14.52 -3.88
O2 EDO L . 35.47 -14.59 -4.17
C1 EDO M . -25.59 18.19 12.77
O1 EDO M . -25.20 19.04 13.85
C2 EDO M . -26.66 17.22 13.25
O2 EDO M . -26.40 15.89 12.77
C1 EDO N . -20.82 26.67 -4.22
O1 EDO N . -21.28 26.25 -5.52
C2 EDO N . -19.79 25.68 -3.71
O2 EDO N . -18.73 25.53 -4.65
C1 EDO O . 34.40 -10.60 10.53
O1 EDO O . 35.72 -10.18 10.14
C2 EDO O . 34.34 -12.12 10.58
O2 EDO O . 33.04 -12.55 11.00
C1 EDO P . -13.88 16.08 -18.98
O1 EDO P . -15.19 16.61 -19.19
C2 EDO P . -13.99 14.62 -18.55
O2 EDO P . -14.76 14.57 -17.35
C1 EDO Q . 22.60 -7.18 -4.73
O1 EDO Q . 22.96 -5.98 -4.11
C2 EDO Q . 22.65 -8.24 -3.67
O2 EDO Q . 22.63 -9.50 -4.31
C1 EDO R . 32.97 6.33 0.82
O1 EDO R . 32.42 6.63 -0.47
C2 EDO R . 34.46 6.65 0.81
O2 EDO R . 35.03 6.13 -0.39
C1 EDO S . -21.45 -15.79 3.87
O1 EDO S . -22.09 -14.55 3.52
C2 EDO S . -20.05 -15.80 3.27
O2 EDO S . -19.27 -14.76 3.90
C1 EDO T . 28.77 -21.28 5.69
O1 EDO T . 29.26 -20.76 6.94
C2 EDO T . 29.53 -22.55 5.33
O2 EDO T . 28.98 -23.65 6.05
C1 EDO U . 7.84 6.69 -5.71
O1 EDO U . 7.82 7.55 -4.57
C2 EDO U . 7.70 5.21 -5.31
O2 EDO U . 7.66 4.47 -6.52
C1 EDO V . 29.07 -2.34 -10.20
O1 EDO V . 27.94 -3.18 -9.98
C2 EDO V . 29.29 -1.50 -8.95
O2 EDO V . 29.15 -2.32 -7.78
S DMS W . 15.12 -17.23 4.80
O DMS W . 14.11 -16.66 3.84
C1 DMS W . 14.64 -18.96 5.14
C2 DMS W . 14.75 -16.54 6.43
S DMS X . -3.16 12.79 4.07
O DMS X . -3.02 12.01 2.78
C1 DMS X . -3.74 11.66 5.36
C2 DMS X . -1.50 13.14 4.75
S DMS Y . -4.00 1.06 3.92
O DMS Y . -4.55 2.42 3.57
C1 DMS Y . -2.19 1.26 4.06
C2 DMS Y . -4.11 0.07 2.42
P PO4 Z . 23.38 5.75 -7.98
O1 PO4 Z . 23.53 6.56 -9.26
O2 PO4 Z . 23.86 4.33 -8.23
O3 PO4 Z . 24.19 6.40 -6.90
O4 PO4 Z . 21.94 5.74 -7.54
CL CL AA . -7.65 26.19 1.86
C1 EDO BA . 26.74 -6.72 9.65
O1 EDO BA . 26.89 -6.75 11.08
C2 EDO BA . 28.07 -6.37 8.98
O2 EDO BA . 29.00 -7.43 9.11
#